data_2D2H
#
_entry.id   2D2H
#
_cell.length_a   108.926
_cell.length_b   108.926
_cell.length_c   62.345
_cell.angle_alpha   90.00
_cell.angle_beta   90.00
_cell.angle_gamma   120.00
#
_symmetry.space_group_name_H-M   'P 31 2 1'
#
loop_
_entity.id
_entity.type
_entity.pdbx_description
1 polymer phosphotriesterase
2 non-polymer 'COBALT (II) ION'
3 non-polymer 'TRIMETHYL PHOSPHATE'
4 water water
#
_entity_poly.entity_id   1
_entity_poly.type   'polypeptide(L)'
_entity_poly.pdbx_seq_one_letter_code
;TGDLINTVRGPIPVSEAGFTLTHEHICGSSAGFLRAWPEFFGSRKALAEKAVRGLRHARAAGVQTIVDVSTFDIGRDVRL
LAEVSRAADVHIVAATGLWFDPPLSMRMRSVEELTQFFLREIQHGIEDTGIRAGII(KCX)VATTGKATPFQELVLKAAA
RASLATGVPVTTHTSASQRDGEQQAAIFESEGLSPSRVCIGHSDDTDDLSYLTGLAARGYLVGLDRMPYSAIGLEGNASA
LALFGTRSWQTRALLIKALIDRGYKDRILVSHDWLFGFSSYVTNIMDVMDRINPDGMAFVPLRVIPFLREKGVPPETLAG
VTVANPARFLSPT
;
_entity_poly.pdbx_strand_id   A
#
# COMPACT_ATOMS: atom_id res chain seq x y z
N THR A 1 -7.76 10.97 -20.73
CA THR A 1 -8.83 11.71 -19.99
C THR A 1 -10.07 10.84 -19.90
N GLY A 2 -11.00 11.20 -19.01
CA GLY A 2 -12.28 10.51 -18.91
C GLY A 2 -12.37 9.44 -17.84
N ASP A 3 -11.31 8.64 -17.71
CA ASP A 3 -11.26 7.55 -16.72
C ASP A 3 -11.22 8.15 -15.31
N LEU A 4 -11.91 7.51 -14.37
CA LEU A 4 -12.01 8.06 -13.02
C LEU A 4 -11.62 7.08 -11.91
N ILE A 5 -11.12 7.62 -10.82
CA ILE A 5 -10.82 6.83 -9.61
C ILE A 5 -11.49 7.44 -8.38
N ASN A 6 -12.00 6.58 -7.51
CA ASN A 6 -12.59 7.06 -6.27
C ASN A 6 -11.55 7.37 -5.21
N THR A 7 -11.70 8.54 -4.61
CA THR A 7 -10.91 8.97 -3.47
C THR A 7 -11.83 9.26 -2.31
N VAL A 8 -11.25 9.53 -1.16
CA VAL A 8 -12.02 9.83 0.05
C VAL A 8 -12.76 11.18 -0.04
N ARG A 9 -12.36 12.01 -1.01
CA ARG A 9 -13.07 13.26 -1.27
C ARG A 9 -14.05 13.15 -2.44
N GLY A 10 -14.20 11.94 -2.98
CA GLY A 10 -15.01 11.67 -4.16
C GLY A 10 -14.22 11.33 -5.43
N PRO A 11 -14.90 11.32 -6.60
CA PRO A 11 -14.23 10.95 -7.85
C PRO A 11 -13.21 11.98 -8.32
N ILE A 12 -12.10 11.50 -8.87
CA ILE A 12 -11.14 12.37 -9.58
C ILE A 12 -10.78 11.76 -10.94
N PRO A 13 -10.41 12.61 -11.93
CA PRO A 13 -9.87 12.06 -13.17
C PRO A 13 -8.55 11.33 -12.86
N VAL A 14 -8.37 10.18 -13.49
CA VAL A 14 -7.14 9.38 -13.40
C VAL A 14 -5.93 10.27 -13.68
N SER A 15 -6.06 11.15 -14.68
CA SER A 15 -4.95 12.02 -15.07
C SER A 15 -4.51 13.05 -14.02
N GLU A 16 -5.35 13.29 -12.99
CA GLU A 16 -5.02 14.19 -11.87
C GLU A 16 -4.40 13.48 -10.68
N ALA A 17 -4.27 12.15 -10.76
CA ALA A 17 -3.59 11.38 -9.70
C ALA A 17 -2.13 11.82 -9.56
N GLY A 18 -1.48 12.04 -10.70
CA GLY A 18 -0.09 12.50 -10.70
C GLY A 18 0.85 11.53 -9.97
N PHE A 19 1.89 12.08 -9.35
CA PHE A 19 2.84 11.29 -8.61
C PHE A 19 2.11 10.60 -7.46
N THR A 20 2.06 9.28 -7.50
CA THR A 20 1.22 8.50 -6.58
C THR A 20 1.99 7.45 -5.81
N LEU A 21 1.84 7.49 -4.48
CA LEU A 21 2.45 6.49 -3.58
C LEU A 21 1.40 5.40 -3.36
N THR A 22 1.68 4.19 -3.83
CA THR A 22 0.63 3.17 -3.95
C THR A 22 0.43 2.22 -2.76
N HIS A 23 1.26 2.34 -1.72
CA HIS A 23 1.12 1.54 -0.49
C HIS A 23 1.55 2.38 0.71
N GLU A 24 0.57 3.04 1.32
CA GLU A 24 0.79 3.92 2.46
C GLU A 24 -0.33 3.70 3.46
N HIS A 25 -0.20 4.31 4.63
CA HIS A 25 -1.27 4.30 5.65
C HIS A 25 -1.27 5.64 6.38
N ILE A 26 -2.45 6.17 6.69
CA ILE A 26 -2.52 7.27 7.65
C ILE A 26 -2.23 6.74 9.05
N CYS A 27 -2.84 5.60 9.39
CA CYS A 27 -2.71 5.00 10.71
C CYS A 27 -2.81 3.48 10.62
N GLY A 28 -1.81 2.78 11.17
CA GLY A 28 -1.85 1.31 11.25
C GLY A 28 -2.39 0.90 12.61
N SER A 29 -3.61 0.40 12.62
CA SER A 29 -4.32 0.19 13.89
C SER A 29 -5.17 -1.05 13.75
N SER A 30 -6.31 -1.05 14.44
CA SER A 30 -7.19 -2.21 14.42
C SER A 30 -8.62 -1.71 14.37
N ALA A 31 -9.53 -2.53 13.82
CA ALA A 31 -10.95 -2.15 13.75
C ALA A 31 -11.49 -1.63 15.09
N GLY A 32 -12.10 -0.44 15.07
CA GLY A 32 -12.68 0.17 16.30
C GLY A 32 -11.75 0.81 17.31
N PHE A 33 -10.44 0.66 17.10
CA PHE A 33 -9.45 1.04 18.12
C PHE A 33 -9.35 2.55 18.30
N LEU A 34 -9.30 3.28 17.18
CA LEU A 34 -9.22 4.73 17.21
C LEU A 34 -10.42 5.33 17.94
N ARG A 35 -11.61 4.78 17.67
CA ARG A 35 -12.85 5.18 18.34
C ARG A 35 -12.86 4.86 19.84
N ALA A 36 -12.30 3.71 20.19
CA ALA A 36 -12.36 3.22 21.56
C ALA A 36 -11.25 3.78 22.47
N TRP A 37 -10.08 4.06 21.87
CA TRP A 37 -8.94 4.46 22.67
C TRP A 37 -8.07 5.50 21.92
N PRO A 38 -8.65 6.68 21.61
CA PRO A 38 -7.92 7.69 20.82
C PRO A 38 -6.73 8.23 21.59
N GLU A 39 -6.79 8.17 22.92
CA GLU A 39 -5.69 8.62 23.77
C GLU A 39 -4.40 7.84 23.56
N PHE A 40 -4.51 6.63 22.99
CA PHE A 40 -3.33 5.87 22.61
C PHE A 40 -2.42 6.72 21.70
N PHE A 41 -3.04 7.50 20.81
CA PHE A 41 -2.33 8.36 19.86
C PHE A 41 -2.13 9.80 20.36
N GLY A 42 -2.23 9.99 21.68
CA GLY A 42 -2.30 11.33 22.27
C GLY A 42 -3.75 11.78 22.22
N SER A 43 -4.24 12.04 21.01
CA SER A 43 -5.66 12.25 20.74
C SER A 43 -5.90 12.07 19.25
N ARG A 44 -7.16 11.96 18.87
CA ARG A 44 -7.53 11.93 17.47
C ARG A 44 -7.03 13.22 16.81
N LYS A 45 -7.21 14.34 17.50
CA LYS A 45 -6.77 15.65 16.99
C LYS A 45 -5.25 15.68 16.72
N ALA A 46 -4.47 15.19 17.69
CA ALA A 46 -3.00 15.11 17.52
C ALA A 46 -2.61 14.22 16.35
N LEU A 47 -3.27 13.07 16.22
CA LEU A 47 -3.03 12.16 15.08
C LEU A 47 -3.31 12.85 13.73
N ALA A 48 -4.48 13.48 13.61
CA ALA A 48 -4.87 14.15 12.36
C ALA A 48 -3.85 15.24 11.99
N GLU A 49 -3.48 16.05 12.99
CA GLU A 49 -2.56 17.18 12.75
C GLU A 49 -1.20 16.67 12.25
N LYS A 50 -0.70 15.61 12.89
CA LYS A 50 0.56 14.96 12.49
C LYS A 50 0.47 14.43 11.06
N ALA A 51 -0.64 13.77 10.74
CA ALA A 51 -0.91 13.30 9.38
C ALA A 51 -1.00 14.46 8.37
N VAL A 52 -1.66 15.55 8.74
CA VAL A 52 -1.73 16.71 7.85
C VAL A 52 -0.32 17.28 7.60
N ARG A 53 0.49 17.43 8.65
CA ARG A 53 1.88 17.92 8.47
C ARG A 53 2.66 17.00 7.54
N GLY A 54 2.54 15.68 7.77
CA GLY A 54 3.26 14.70 6.96
C GLY A 54 2.85 14.72 5.49
N LEU A 55 1.54 14.82 5.23
CA LEU A 55 1.03 14.84 3.87
C LEU A 55 1.38 16.15 3.17
N ARG A 56 1.37 17.24 3.92
CA ARG A 56 1.79 18.53 3.36
C ARG A 56 3.26 18.51 2.94
N HIS A 57 4.08 17.83 3.75
CA HIS A 57 5.50 17.64 3.45
C HIS A 57 5.67 16.81 2.17
N ALA A 58 4.94 15.69 2.08
CA ALA A 58 4.92 14.90 0.84
C ALA A 58 4.48 15.72 -0.39
N ARG A 59 3.44 16.54 -0.23
CA ARG A 59 2.89 17.34 -1.29
C ARG A 59 3.93 18.33 -1.82
N ALA A 60 4.63 18.96 -0.89
CA ALA A 60 5.69 19.91 -1.22
C ALA A 60 6.81 19.24 -2.03
N ALA A 61 7.09 17.97 -1.70
CA ALA A 61 8.06 17.15 -2.42
C ALA A 61 7.56 16.63 -3.79
N GLY A 62 6.28 16.86 -4.10
CA GLY A 62 5.67 16.49 -5.38
C GLY A 62 4.67 15.35 -5.38
N VAL A 63 4.40 14.78 -4.21
CA VAL A 63 3.40 13.70 -4.10
C VAL A 63 2.00 14.31 -4.25
N GLN A 64 1.20 13.77 -5.15
CA GLN A 64 -0.15 14.31 -5.32
C GLN A 64 -1.25 13.40 -4.77
N THR A 65 -0.93 12.11 -4.67
CA THR A 65 -1.91 11.07 -4.29
C THR A 65 -1.22 10.01 -3.45
N ILE A 66 -1.91 9.53 -2.42
CA ILE A 66 -1.47 8.30 -1.78
C ILE A 66 -2.60 7.29 -1.82
N VAL A 67 -2.24 6.01 -1.86
CA VAL A 67 -3.24 4.96 -1.72
C VAL A 67 -3.09 4.42 -0.30
N ASP A 68 -4.10 4.68 0.54
CA ASP A 68 -4.09 4.15 1.89
C ASP A 68 -4.64 2.74 1.82
N VAL A 69 -3.75 1.76 1.99
CA VAL A 69 -4.15 0.35 1.85
C VAL A 69 -4.60 -0.26 3.20
N SER A 70 -5.03 0.62 4.12
CA SER A 70 -5.60 0.15 5.40
C SER A 70 -6.98 -0.47 5.11
N THR A 71 -7.11 -1.73 5.51
CA THR A 71 -8.38 -2.45 5.41
C THR A 71 -9.17 -2.22 6.69
N PHE A 72 -10.40 -2.73 6.71
CA PHE A 72 -11.18 -2.85 7.93
C PHE A 72 -10.34 -3.26 9.16
N ASP A 73 -9.56 -4.34 9.03
CA ASP A 73 -8.82 -4.90 10.17
C ASP A 73 -7.47 -4.22 10.48
N ILE A 74 -7.08 -3.28 9.62
CA ILE A 74 -6.02 -2.31 9.93
C ILE A 74 -6.61 -1.08 10.65
N GLY A 75 -7.92 -1.13 10.92
CA GLY A 75 -8.60 -0.04 11.60
C GLY A 75 -8.71 1.25 10.77
N ARG A 76 -8.74 1.08 9.45
CA ARG A 76 -9.08 2.16 8.50
C ARG A 76 -10.24 3.01 9.05
N ASP A 77 -10.01 4.31 9.18
CA ASP A 77 -11.05 5.24 9.59
C ASP A 77 -11.23 6.20 8.43
N VAL A 78 -12.21 5.93 7.57
CA VAL A 78 -12.35 6.72 6.34
C VAL A 78 -12.67 8.21 6.61
N ARG A 79 -13.38 8.48 7.70
CA ARG A 79 -13.64 9.90 8.06
C ARG A 79 -12.33 10.64 8.34
N LEU A 80 -11.42 9.97 9.05
CA LEU A 80 -10.08 10.52 9.30
C LEU A 80 -9.33 10.77 7.99
N LEU A 81 -9.37 9.80 7.08
CA LEU A 81 -8.72 9.96 5.78
C LEU A 81 -9.26 11.18 5.07
N ALA A 82 -10.58 11.29 5.03
CA ALA A 82 -11.21 12.44 4.35
C ALA A 82 -10.77 13.76 4.99
N GLU A 83 -10.72 13.81 6.33
CA GLU A 83 -10.36 15.05 7.02
C GLU A 83 -8.92 15.49 6.67
N VAL A 84 -8.00 14.53 6.68
CA VAL A 84 -6.59 14.85 6.46
C VAL A 84 -6.34 15.12 4.98
N SER A 85 -7.06 14.41 4.09
CA SER A 85 -6.99 14.64 2.65
C SER A 85 -7.37 16.09 2.34
N ARG A 86 -8.48 16.53 2.93
CA ARG A 86 -8.97 17.89 2.69
C ARG A 86 -8.00 18.94 3.22
N ALA A 87 -7.50 18.75 4.45
CA ALA A 87 -6.61 19.72 5.06
C ALA A 87 -5.26 19.83 4.36
N ALA A 88 -4.74 18.71 3.87
CA ALA A 88 -3.41 18.70 3.24
C ALA A 88 -3.45 18.89 1.73
N ASP A 89 -4.66 18.85 1.17
CA ASP A 89 -4.89 18.84 -0.29
C ASP A 89 -4.04 17.81 -1.02
N VAL A 90 -4.16 16.56 -0.57
CA VAL A 90 -3.53 15.41 -1.21
C VAL A 90 -4.62 14.38 -1.39
N HIS A 91 -4.73 13.81 -2.59
CA HIS A 91 -5.74 12.77 -2.84
C HIS A 91 -5.43 11.53 -2.01
N ILE A 92 -6.45 10.93 -1.42
CA ILE A 92 -6.26 9.62 -0.78
C ILE A 92 -7.27 8.62 -1.32
N VAL A 93 -6.76 7.51 -1.85
CA VAL A 93 -7.59 6.38 -2.29
C VAL A 93 -7.68 5.41 -1.11
N ALA A 94 -8.91 5.09 -0.70
CA ALA A 94 -9.16 4.14 0.38
C ALA A 94 -9.24 2.71 -0.17
N ALA A 95 -9.10 1.74 0.75
CA ALA A 95 -9.03 0.32 0.42
C ALA A 95 -10.18 -0.47 1.05
N THR A 96 -10.55 -1.57 0.38
CA THR A 96 -11.30 -2.65 1.04
C THR A 96 -10.38 -3.86 1.11
N GLY A 97 -10.95 -5.04 1.37
CA GLY A 97 -10.17 -6.27 1.54
C GLY A 97 -9.94 -6.62 3.01
N LEU A 98 -9.04 -7.57 3.25
CA LEU A 98 -8.69 -7.95 4.60
C LEU A 98 -7.17 -8.21 4.68
N TRP A 99 -6.57 -7.74 5.76
CA TRP A 99 -5.14 -7.91 6.04
C TRP A 99 -5.03 -9.18 6.88
N PHE A 100 -3.97 -9.33 7.67
CA PHE A 100 -3.77 -10.61 8.36
C PHE A 100 -4.22 -10.60 9.83
N ASP A 101 -5.10 -9.65 10.18
CA ASP A 101 -5.68 -9.60 11.53
C ASP A 101 -7.23 -9.61 11.55
N PRO A 102 -7.84 -10.43 10.68
CA PRO A 102 -9.31 -10.39 10.66
C PRO A 102 -9.90 -10.97 11.95
N PRO A 103 -11.00 -10.38 12.44
CA PRO A 103 -11.66 -10.89 13.63
C PRO A 103 -12.52 -12.09 13.24
N LEU A 104 -13.06 -12.77 14.25
CA LEU A 104 -13.90 -13.94 14.00
C LEU A 104 -15.07 -13.66 13.05
N SER A 105 -15.68 -12.48 13.15
CA SER A 105 -16.85 -12.16 12.30
C SER A 105 -16.51 -12.11 10.82
N MET A 106 -15.23 -11.91 10.51
CA MET A 106 -14.71 -12.06 9.15
C MET A 106 -14.23 -13.50 8.89
N ARG A 107 -13.47 -14.05 9.84
CA ARG A 107 -12.91 -15.40 9.64
C ARG A 107 -13.93 -16.51 9.39
N MET A 108 -15.15 -16.31 9.84
CA MET A 108 -16.21 -17.31 9.71
C MET A 108 -16.92 -17.23 8.36
N ARG A 109 -16.55 -16.25 7.53
CA ARG A 109 -17.30 -15.97 6.30
C ARG A 109 -16.86 -16.80 5.09
N SER A 110 -17.80 -17.03 4.19
CA SER A 110 -17.52 -17.75 2.94
C SER A 110 -16.94 -16.82 1.88
N VAL A 111 -16.40 -17.41 0.82
CA VAL A 111 -15.91 -16.59 -0.31
C VAL A 111 -17.04 -15.71 -0.85
N GLU A 112 -18.24 -16.27 -0.97
CA GLU A 112 -19.41 -15.51 -1.43
C GLU A 112 -19.69 -14.30 -0.54
N GLU A 113 -19.64 -14.53 0.77
CA GLU A 113 -19.91 -13.50 1.77
C GLU A 113 -18.85 -12.39 1.75
N LEU A 114 -17.59 -12.81 1.72
CA LEU A 114 -16.48 -11.86 1.61
C LEU A 114 -16.56 -10.99 0.35
N THR A 115 -16.91 -11.62 -0.77
CA THR A 115 -17.09 -10.90 -2.04
C THR A 115 -18.15 -9.81 -1.88
N GLN A 116 -19.24 -10.16 -1.22
CA GLN A 116 -20.32 -9.19 -0.99
C GLN A 116 -19.84 -8.01 -0.13
N PHE A 117 -19.05 -8.30 0.90
CA PHE A 117 -18.46 -7.27 1.73
C PHE A 117 -17.53 -6.34 0.92
N PHE A 118 -16.62 -6.93 0.12
CA PHE A 118 -15.69 -6.10 -0.69
C PHE A 118 -16.48 -5.27 -1.70
N LEU A 119 -17.48 -5.88 -2.34
CA LEU A 119 -18.35 -5.17 -3.27
C LEU A 119 -19.09 -4.00 -2.60
N ARG A 120 -19.56 -4.20 -1.35
CA ARG A 120 -20.22 -3.16 -0.56
C ARG A 120 -19.31 -1.92 -0.46
N GLU A 121 -18.05 -2.16 -0.09
CA GLU A 121 -17.13 -1.06 0.16
C GLU A 121 -16.68 -0.34 -1.12
N ILE A 122 -16.72 -1.05 -2.25
CA ILE A 122 -16.34 -0.49 -3.56
C ILE A 122 -17.51 0.26 -4.23
N GLN A 123 -18.68 -0.38 -4.19
CA GLN A 123 -19.83 0.03 -4.98
C GLN A 123 -20.85 0.86 -4.21
N HIS A 124 -21.01 0.57 -2.92
CA HIS A 124 -21.99 1.28 -2.06
C HIS A 124 -21.32 2.37 -1.25
N GLY A 125 -20.26 2.01 -0.54
CA GLY A 125 -19.55 2.92 0.32
C GLY A 125 -19.09 2.25 1.59
N ILE A 126 -18.12 2.87 2.25
CA ILE A 126 -17.57 2.35 3.49
C ILE A 126 -18.43 2.83 4.66
N GLU A 127 -18.85 1.88 5.50
CA GLU A 127 -19.67 2.19 6.66
C GLU A 127 -20.90 2.95 6.16
N ASP A 128 -21.22 4.08 6.81
CA ASP A 128 -22.37 4.92 6.41
C ASP A 128 -21.93 6.19 5.68
N THR A 129 -20.72 6.20 5.13
CA THR A 129 -20.11 7.46 4.62
C THR A 129 -20.29 7.72 3.13
N GLY A 130 -20.62 6.68 2.38
CA GLY A 130 -20.69 6.76 0.92
C GLY A 130 -19.31 6.88 0.26
N ILE A 131 -18.25 6.88 1.06
CA ILE A 131 -16.89 6.91 0.50
C ILE A 131 -16.58 5.53 -0.04
N ARG A 132 -16.16 5.48 -1.31
CA ARG A 132 -15.92 4.23 -2.01
C ARG A 132 -14.45 3.88 -2.11
N ALA A 133 -14.15 2.62 -1.82
CA ALA A 133 -12.81 2.04 -1.97
C ALA A 133 -12.37 1.99 -3.43
N GLY A 134 -11.09 2.30 -3.67
CA GLY A 134 -10.50 2.26 -5.03
C GLY A 134 -9.47 1.16 -5.22
N ILE A 135 -9.32 0.30 -4.22
CA ILE A 135 -8.34 -0.80 -4.27
C ILE A 135 -8.80 -1.88 -3.27
N ILE A 136 -8.35 -3.10 -3.52
CA ILE A 136 -8.55 -4.23 -2.60
C ILE A 136 -7.23 -4.77 -2.07
N VAL A 138 -5.09 -7.43 0.32
CA VAL A 138 -5.11 -8.78 0.90
C VAL A 138 -3.72 -9.16 1.39
N ALA A 139 -3.64 -10.27 2.10
CA ALA A 139 -2.38 -10.60 2.77
C ALA A 139 -2.20 -12.08 2.99
N THR A 140 -0.94 -12.50 2.84
CA THR A 140 -0.42 -13.76 3.38
C THR A 140 0.87 -13.47 4.17
N THR A 141 1.21 -14.35 5.11
CA THR A 141 2.51 -14.32 5.81
C THR A 141 3.11 -15.74 5.75
N GLY A 142 3.59 -16.09 4.55
CA GLY A 142 3.95 -17.48 4.23
C GLY A 142 2.84 -18.14 3.45
N LYS A 143 2.77 -19.47 3.49
CA LYS A 143 1.70 -20.19 2.82
C LYS A 143 0.34 -19.68 3.31
N ALA A 144 -0.60 -19.49 2.38
CA ALA A 144 -1.92 -18.94 2.74
C ALA A 144 -2.63 -19.84 3.74
N THR A 145 -3.25 -19.22 4.73
CA THR A 145 -4.17 -19.96 5.60
C THR A 145 -5.41 -20.35 4.77
N PRO A 146 -6.18 -21.38 5.24
CA PRO A 146 -7.44 -21.65 4.54
C PRO A 146 -8.31 -20.39 4.41
N PHE A 147 -8.34 -19.54 5.43
CA PHE A 147 -9.16 -18.34 5.33
C PHE A 147 -8.59 -17.39 4.27
N GLN A 148 -7.26 -17.24 4.26
CA GLN A 148 -6.62 -16.38 3.30
C GLN A 148 -6.86 -16.81 1.85
N GLU A 149 -6.89 -18.13 1.59
CA GLU A 149 -7.34 -18.61 0.26
C GLU A 149 -8.68 -18.02 -0.16
N LEU A 150 -9.66 -18.04 0.77
CA LEU A 150 -10.97 -17.44 0.50
C LEU A 150 -10.89 -15.94 0.23
N VAL A 151 -10.12 -15.23 1.05
CA VAL A 151 -9.95 -13.79 0.91
C VAL A 151 -9.39 -13.46 -0.48
N LEU A 152 -8.35 -14.18 -0.90
CA LEU A 152 -7.74 -13.86 -2.19
C LEU A 152 -8.68 -14.17 -3.35
N LYS A 153 -9.48 -15.23 -3.22
CA LYS A 153 -10.49 -15.54 -4.23
C LYS A 153 -11.59 -14.49 -4.27
N ALA A 154 -12.03 -14.05 -3.08
CA ALA A 154 -13.04 -12.99 -2.98
C ALA A 154 -12.52 -11.66 -3.58
N ALA A 155 -11.27 -11.33 -3.30
CA ALA A 155 -10.65 -10.12 -3.90
C ALA A 155 -10.67 -10.22 -5.44
N ALA A 156 -10.32 -11.40 -5.95
CA ALA A 156 -10.34 -11.62 -7.41
C ALA A 156 -11.73 -11.39 -8.00
N ARG A 157 -12.75 -11.95 -7.33
CA ARG A 157 -14.12 -11.79 -7.77
C ARG A 157 -14.58 -10.34 -7.71
N ALA A 158 -14.27 -9.66 -6.60
CA ALA A 158 -14.64 -8.25 -6.51
C ALA A 158 -13.93 -7.38 -7.57
N SER A 159 -12.66 -7.67 -7.84
CA SER A 159 -11.88 -7.00 -8.88
C SER A 159 -12.52 -7.25 -10.26
N LEU A 160 -12.79 -8.50 -10.59
CA LEU A 160 -13.46 -8.80 -11.88
C LEU A 160 -14.78 -8.04 -12.09
N ALA A 161 -15.58 -7.95 -11.03
CA ALA A 161 -16.86 -7.24 -11.07
C ALA A 161 -16.76 -5.71 -11.19
N THR A 162 -15.67 -5.14 -10.71
CA THR A 162 -15.58 -3.67 -10.57
C THR A 162 -14.43 -3.01 -11.35
N GLY A 163 -13.44 -3.81 -11.75
CA GLY A 163 -12.23 -3.29 -12.40
C GLY A 163 -11.19 -2.70 -11.44
N VAL A 164 -11.51 -2.64 -10.16
CA VAL A 164 -10.61 -2.12 -9.12
C VAL A 164 -9.42 -3.10 -8.91
N PRO A 165 -8.19 -2.58 -8.76
CA PRO A 165 -7.04 -3.48 -8.61
C PRO A 165 -6.91 -4.13 -7.23
N VAL A 166 -6.08 -5.17 -7.16
CA VAL A 166 -5.80 -5.89 -5.94
C VAL A 166 -4.33 -5.66 -5.61
N THR A 167 -4.05 -5.46 -4.33
CA THR A 167 -2.68 -5.26 -3.86
C THR A 167 -2.45 -6.14 -2.61
N THR A 168 -1.24 -6.64 -2.44
CA THR A 168 -0.98 -7.69 -1.43
C THR A 168 0.16 -7.35 -0.45
N HIS A 169 0.03 -7.87 0.76
CA HIS A 169 1.11 -7.99 1.70
C HIS A 169 1.69 -9.38 1.43
N THR A 170 3.01 -9.47 1.33
CA THR A 170 3.68 -10.77 1.36
C THR A 170 4.73 -10.88 2.48
N SER A 171 5.04 -12.11 2.87
CA SER A 171 6.36 -12.42 3.36
C SER A 171 7.29 -12.68 2.18
N ALA A 172 7.93 -11.62 1.71
CA ALA A 172 8.67 -11.70 0.44
C ALA A 172 9.78 -12.76 0.48
N SER A 173 10.41 -12.92 1.64
CA SER A 173 11.49 -13.90 1.78
C SER A 173 10.97 -15.34 1.59
N GLN A 174 9.67 -15.55 1.78
CA GLN A 174 9.05 -16.87 1.58
C GLN A 174 8.41 -16.98 0.21
N ARG A 175 8.58 -15.93 -0.61
CA ARG A 175 8.10 -15.91 -1.99
C ARG A 175 6.59 -16.10 -2.12
N ASP A 176 5.81 -15.49 -1.21
CA ASP A 176 4.34 -15.68 -1.18
C ASP A 176 3.66 -15.33 -2.51
N GLY A 177 4.22 -14.36 -3.24
CA GLY A 177 3.65 -13.92 -4.51
C GLY A 177 3.33 -15.03 -5.49
N GLU A 178 4.13 -16.10 -5.48
CA GLU A 178 3.88 -17.20 -6.42
C GLU A 178 2.53 -17.88 -6.15
N GLN A 179 2.29 -18.26 -4.90
CA GLN A 179 0.99 -18.82 -4.53
C GLN A 179 -0.15 -17.82 -4.72
N GLN A 180 0.07 -16.57 -4.30
CA GLN A 180 -0.94 -15.52 -4.51
C GLN A 180 -1.35 -15.42 -5.98
N ALA A 181 -0.34 -15.30 -6.85
CA ALA A 181 -0.55 -15.35 -8.29
C ALA A 181 -1.38 -16.58 -8.74
N ALA A 182 -1.00 -17.78 -8.27
CA ALA A 182 -1.72 -19.01 -8.61
C ALA A 182 -3.22 -18.93 -8.25
N ILE A 183 -3.51 -18.44 -7.05
CA ILE A 183 -4.91 -18.31 -6.60
C ILE A 183 -5.67 -17.28 -7.44
N PHE A 184 -5.07 -16.11 -7.68
CA PHE A 184 -5.72 -15.09 -8.51
C PHE A 184 -6.02 -15.61 -9.91
N GLU A 185 -5.04 -16.27 -10.50
CA GLU A 185 -5.20 -16.78 -11.86
C GLU A 185 -6.24 -17.91 -11.93
N SER A 186 -6.37 -18.69 -10.86
CA SER A 186 -7.39 -19.74 -10.77
C SER A 186 -8.82 -19.17 -10.80
N GLU A 187 -8.93 -17.88 -10.48
CA GLU A 187 -10.21 -17.16 -10.58
C GLU A 187 -10.36 -16.36 -11.89
N GLY A 188 -9.30 -16.37 -12.72
CA GLY A 188 -9.32 -15.68 -14.02
C GLY A 188 -9.03 -14.19 -13.95
N LEU A 189 -8.39 -13.76 -12.86
CA LEU A 189 -7.96 -12.37 -12.71
C LEU A 189 -6.70 -12.10 -13.52
N SER A 190 -6.70 -10.97 -14.22
CA SER A 190 -5.54 -10.55 -15.01
C SER A 190 -4.39 -10.09 -14.09
N PRO A 191 -3.16 -10.61 -14.33
CA PRO A 191 -2.02 -10.15 -13.53
C PRO A 191 -1.81 -8.63 -13.51
N SER A 192 -2.22 -7.92 -14.57
CA SER A 192 -2.14 -6.45 -14.65
C SER A 192 -3.02 -5.73 -13.63
N ARG A 193 -3.94 -6.50 -13.02
CA ARG A 193 -4.83 -5.97 -11.96
C ARG A 193 -4.24 -6.20 -10.56
N VAL A 194 -3.05 -6.77 -10.48
CA VAL A 194 -2.49 -7.21 -9.20
C VAL A 194 -1.09 -6.65 -8.91
N CYS A 195 -0.91 -6.09 -7.72
CA CYS A 195 0.42 -5.72 -7.25
C CYS A 195 0.82 -6.65 -6.12
N ILE A 196 1.92 -7.37 -6.33
CA ILE A 196 2.52 -8.20 -5.29
C ILE A 196 3.44 -7.34 -4.40
N GLY A 197 2.96 -7.05 -3.19
CA GLY A 197 3.63 -6.06 -2.32
C GLY A 197 4.77 -6.55 -1.47
N HIS A 198 5.46 -5.59 -0.85
CA HIS A 198 6.66 -5.82 -0.01
C HIS A 198 7.72 -6.61 -0.72
N SER A 199 7.75 -6.46 -2.04
CA SER A 199 8.67 -7.21 -2.88
C SER A 199 10.11 -6.67 -2.74
N ASP A 200 10.26 -5.46 -2.21
CA ASP A 200 11.61 -4.95 -1.88
C ASP A 200 12.17 -5.49 -0.55
N ASP A 201 11.38 -6.32 0.14
CA ASP A 201 11.86 -7.01 1.34
C ASP A 201 12.80 -8.19 1.00
N THR A 202 12.94 -8.49 -0.29
CA THR A 202 13.85 -9.57 -0.75
C THR A 202 14.76 -9.04 -1.84
N ASP A 203 15.95 -9.63 -1.97
CA ASP A 203 16.79 -9.34 -3.13
C ASP A 203 16.72 -10.47 -4.18
N ASP A 204 15.74 -11.37 -4.03
CA ASP A 204 15.57 -12.47 -4.97
C ASP A 204 14.96 -12.01 -6.29
N LEU A 205 15.83 -11.63 -7.24
CA LEU A 205 15.37 -11.19 -8.56
C LEU A 205 14.81 -12.32 -9.43
N SER A 206 15.16 -13.57 -9.15
CA SER A 206 14.53 -14.68 -9.86
C SER A 206 13.02 -14.67 -9.58
N TYR A 207 12.70 -14.58 -8.30
CA TYR A 207 11.33 -14.49 -7.82
C TYR A 207 10.64 -13.25 -8.43
N LEU A 208 11.29 -12.10 -8.34
CA LEU A 208 10.68 -10.82 -8.79
C LEU A 208 10.50 -10.75 -10.30
N THR A 209 11.54 -11.11 -11.05
CA THR A 209 11.41 -11.11 -12.52
C THR A 209 10.40 -12.16 -13.01
N GLY A 210 10.28 -13.27 -12.27
CA GLY A 210 9.28 -14.30 -12.58
C GLY A 210 7.87 -13.72 -12.59
N LEU A 211 7.54 -13.00 -11.51
CA LEU A 211 6.28 -12.25 -11.42
C LEU A 211 6.09 -11.17 -12.49
N ALA A 212 7.09 -10.32 -12.68
CA ALA A 212 7.03 -9.24 -13.65
C ALA A 212 6.81 -9.75 -15.09
N ALA A 213 7.51 -10.83 -15.45
CA ALA A 213 7.37 -11.45 -16.77
C ALA A 213 5.93 -11.92 -17.03
N ARG A 214 5.25 -12.35 -15.96
CA ARG A 214 3.85 -12.76 -16.02
C ARG A 214 2.85 -11.61 -16.05
N GLY A 215 3.34 -10.38 -15.92
CA GLY A 215 2.54 -9.16 -16.03
C GLY A 215 2.06 -8.56 -14.70
N TYR A 216 2.47 -9.16 -13.58
CA TYR A 216 2.18 -8.59 -12.27
C TYR A 216 2.90 -7.28 -12.04
N LEU A 217 2.29 -6.42 -11.23
CA LEU A 217 2.97 -5.24 -10.76
C LEU A 217 3.77 -5.67 -9.53
N VAL A 218 4.99 -5.16 -9.42
CA VAL A 218 5.86 -5.52 -8.31
C VAL A 218 5.99 -4.33 -7.39
N GLY A 219 5.47 -4.49 -6.19
CA GLY A 219 5.44 -3.43 -5.19
C GLY A 219 6.74 -3.31 -4.40
N LEU A 220 7.56 -2.32 -4.76
CA LEU A 220 8.78 -2.00 -4.00
C LEU A 220 8.41 -0.85 -3.08
N ASP A 221 7.81 -1.23 -1.96
CA ASP A 221 6.94 -0.32 -1.23
C ASP A 221 7.36 -0.10 0.21
N ARG A 222 8.57 -0.53 0.57
CA ARG A 222 9.07 -0.28 1.94
C ARG A 222 10.40 0.48 1.92
N MET A 223 10.51 1.44 1.01
CA MET A 223 11.79 2.12 0.76
C MET A 223 12.60 2.59 1.99
N PRO A 224 11.95 3.30 2.95
CA PRO A 224 12.76 3.88 4.05
C PRO A 224 13.05 2.92 5.21
N TYR A 225 12.62 1.67 5.10
CA TYR A 225 12.71 0.72 6.21
C TYR A 225 14.09 0.10 6.34
N SER A 226 14.79 0.48 7.41
CA SER A 226 16.07 -0.14 7.77
C SER A 226 16.36 0.05 9.25
N ALA A 227 16.80 -1.03 9.91
CA ALA A 227 17.22 -0.97 11.31
C ALA A 227 18.74 -0.98 11.45
N ILE A 228 19.43 -0.57 10.37
CA ILE A 228 20.88 -0.38 10.44
C ILE A 228 21.17 0.76 11.41
N GLY A 229 21.97 0.47 12.43
CA GLY A 229 22.30 1.44 13.47
C GLY A 229 21.42 1.28 14.71
N LEU A 230 20.42 0.41 14.62
CA LEU A 230 19.50 0.15 15.74
C LEU A 230 19.42 -1.34 16.09
N GLU A 231 20.48 -2.08 15.77
CA GLU A 231 20.48 -3.54 15.92
C GLU A 231 20.18 -4.03 17.33
N GLY A 232 20.41 -3.17 18.32
CA GLY A 232 20.11 -3.49 19.72
C GLY A 232 18.64 -3.36 20.12
N ASN A 233 17.82 -2.90 19.18
CA ASN A 233 16.37 -2.83 19.37
C ASN A 233 15.71 -4.01 18.63
N ALA A 234 15.32 -5.03 19.39
CA ALA A 234 14.80 -6.27 18.78
C ALA A 234 13.54 -6.03 17.94
N SER A 235 12.61 -5.23 18.47
CA SER A 235 11.37 -4.93 17.74
C SER A 235 11.64 -4.13 16.47
N ALA A 236 12.53 -3.14 16.53
CA ALA A 236 12.92 -2.36 15.34
C ALA A 236 13.57 -3.26 14.28
N LEU A 237 14.48 -4.14 14.71
CA LEU A 237 15.13 -5.07 13.82
C LEU A 237 14.14 -5.98 13.10
N ALA A 238 13.18 -6.52 13.86
CA ALA A 238 12.21 -7.48 13.34
C ALA A 238 11.35 -6.92 12.21
N LEU A 239 10.97 -5.66 12.31
CA LEU A 239 10.06 -5.12 11.31
C LEU A 239 10.80 -4.36 10.20
N PHE A 240 11.90 -3.68 10.55
CA PHE A 240 12.68 -2.89 9.57
C PHE A 240 13.65 -3.69 8.71
N GLY A 241 14.21 -4.78 9.26
CA GLY A 241 15.26 -5.54 8.56
C GLY A 241 16.65 -4.91 8.63
N THR A 242 17.63 -5.55 8.00
CA THR A 242 19.02 -5.10 8.10
C THR A 242 19.57 -4.60 6.76
N ARG A 243 18.68 -4.37 5.80
CA ARG A 243 19.06 -3.90 4.48
C ARG A 243 18.83 -2.39 4.37
N SER A 244 19.77 -1.70 3.72
CA SER A 244 19.68 -0.24 3.63
C SER A 244 18.62 0.21 2.63
N TRP A 245 18.22 1.48 2.72
CA TRP A 245 17.29 2.04 1.73
C TRP A 245 17.91 2.01 0.33
N GLN A 246 19.22 2.23 0.24
CA GLN A 246 19.90 2.14 -1.05
C GLN A 246 19.79 0.74 -1.66
N THR A 247 19.93 -0.30 -0.84
CA THR A 247 19.75 -1.68 -1.27
C THR A 247 18.35 -1.90 -1.84
N ARG A 248 17.34 -1.40 -1.11
CA ARG A 248 15.97 -1.46 -1.61
C ARG A 248 15.81 -0.73 -2.94
N ALA A 249 16.34 0.49 -3.01
CA ALA A 249 16.19 1.34 -4.19
C ALA A 249 16.87 0.72 -5.41
N LEU A 250 17.99 0.04 -5.17
CA LEU A 250 18.68 -0.64 -6.27
C LEU A 250 17.79 -1.64 -7.00
N LEU A 251 16.80 -2.22 -6.30
CA LEU A 251 15.86 -3.15 -6.95
C LEU A 251 15.00 -2.46 -8.02
N ILE A 252 14.68 -1.19 -7.82
CA ILE A 252 13.93 -0.43 -8.83
C ILE A 252 14.79 -0.36 -10.09
N LYS A 253 16.06 0.00 -9.92
CA LYS A 253 16.96 0.07 -11.07
C LYS A 253 17.13 -1.31 -11.71
N ALA A 254 17.23 -2.34 -10.88
CA ALA A 254 17.48 -3.72 -11.36
C ALA A 254 16.35 -4.17 -12.27
N LEU A 255 15.12 -3.88 -11.85
CA LEU A 255 13.98 -4.24 -12.65
C LEU A 255 13.90 -3.41 -13.93
N ILE A 256 14.22 -2.12 -13.84
CA ILE A 256 14.29 -1.24 -15.04
C ILE A 256 15.35 -1.80 -16.03
N ASP A 257 16.51 -2.15 -15.49
CA ASP A 257 17.63 -2.64 -16.32
C ASP A 257 17.26 -3.95 -17.02
N ARG A 258 16.30 -4.69 -16.48
CA ARG A 258 15.89 -5.96 -17.04
C ARG A 258 14.61 -5.89 -17.89
N GLY A 259 14.18 -4.66 -18.19
CA GLY A 259 13.09 -4.42 -19.12
C GLY A 259 11.70 -4.24 -18.49
N TYR A 260 11.66 -4.18 -17.15
CA TYR A 260 10.38 -4.22 -16.42
C TYR A 260 9.94 -2.87 -15.80
N LYS A 261 10.35 -1.78 -16.42
CA LYS A 261 9.98 -0.44 -15.91
C LYS A 261 8.46 -0.26 -15.73
N ASP A 262 7.66 -0.87 -16.62
CA ASP A 262 6.22 -0.70 -16.58
C ASP A 262 5.55 -1.56 -15.51
N ARG A 263 6.33 -2.40 -14.83
CA ARG A 263 5.79 -3.39 -13.89
C ARG A 263 6.13 -3.02 -12.44
N ILE A 264 6.61 -1.80 -12.23
CA ILE A 264 7.11 -1.39 -10.93
C ILE A 264 6.20 -0.36 -10.26
N LEU A 265 5.90 -0.58 -8.99
CA LEU A 265 5.27 0.45 -8.16
C LEU A 265 6.12 0.74 -6.91
N VAL A 266 6.27 2.02 -6.58
CA VAL A 266 7.18 2.42 -5.51
C VAL A 266 6.42 3.12 -4.38
N SER A 267 6.75 2.80 -3.13
CA SER A 267 6.12 3.46 -1.97
C SER A 267 6.97 3.28 -0.69
N HIS A 268 6.42 3.74 0.45
CA HIS A 268 7.13 3.67 1.72
C HIS A 268 6.52 2.72 2.74
N ASP A 269 5.23 2.41 2.63
CA ASP A 269 4.49 1.72 3.69
C ASP A 269 4.62 2.50 5.01
N TRP A 270 4.51 3.83 4.89
CA TRP A 270 4.65 4.70 6.03
C TRP A 270 3.31 4.88 6.75
N LEU A 271 3.36 5.57 7.89
CA LEU A 271 2.16 5.91 8.65
C LEU A 271 2.47 7.01 9.66
N PHE A 272 1.42 7.56 10.25
CA PHE A 272 1.55 8.66 11.19
C PHE A 272 1.11 8.26 12.60
N GLY A 273 0.48 7.09 12.70
CA GLY A 273 0.06 6.50 13.97
C GLY A 273 0.19 5.00 13.81
N PHE A 274 0.54 4.30 14.87
CA PHE A 274 0.86 2.87 14.73
C PHE A 274 0.58 2.13 16.02
N SER A 275 -0.64 1.59 16.15
CA SER A 275 -1.04 0.89 17.38
C SER A 275 -0.92 -0.63 17.32
N SER A 276 -0.78 -1.20 16.12
CA SER A 276 -0.68 -2.67 15.95
C SER A 276 0.73 -3.23 16.13
N TYR A 277 1.61 -2.47 16.77
CA TYR A 277 2.94 -2.97 17.07
C TYR A 277 3.36 -2.44 18.45
N VAL A 278 4.65 -2.45 18.77
CA VAL A 278 5.08 -2.04 20.11
C VAL A 278 4.83 -0.56 20.39
N THR A 279 4.62 -0.24 21.65
CA THR A 279 4.38 1.14 22.07
C THR A 279 5.61 1.97 21.71
N ASN A 280 5.40 3.22 21.29
CA ASN A 280 6.51 4.16 20.91
C ASN A 280 7.27 3.81 19.62
N ILE A 281 6.79 2.82 18.87
CA ILE A 281 7.41 2.48 17.58
C ILE A 281 7.40 3.67 16.59
N MET A 282 6.37 4.51 16.66
CA MET A 282 6.29 5.70 15.80
C MET A 282 7.48 6.64 16.02
N ASP A 283 7.93 6.74 17.27
CA ASP A 283 9.08 7.59 17.59
C ASP A 283 10.37 7.04 16.96
N VAL A 284 10.54 5.72 17.00
CA VAL A 284 11.68 5.08 16.35
C VAL A 284 11.64 5.36 14.84
N MET A 285 10.48 5.11 14.23
CA MET A 285 10.31 5.32 12.78
C MET A 285 10.57 6.76 12.36
N ASP A 286 10.03 7.71 13.12
CA ASP A 286 10.24 9.13 12.81
C ASP A 286 11.71 9.57 12.91
N ARG A 287 12.47 8.90 13.77
CA ARG A 287 13.92 9.13 13.87
C ARG A 287 14.65 8.56 12.66
N ILE A 288 14.25 7.38 12.22
CA ILE A 288 14.88 6.73 11.07
C ILE A 288 14.58 7.47 9.77
N ASN A 289 13.35 7.95 9.65
CA ASN A 289 12.91 8.65 8.44
C ASN A 289 12.08 9.90 8.75
N PRO A 290 12.76 10.98 9.20
CA PRO A 290 12.00 12.21 9.47
C PRO A 290 11.20 12.73 8.26
N ASP A 291 11.63 12.42 7.05
CA ASP A 291 10.93 12.87 5.84
C ASP A 291 9.61 12.16 5.55
N GLY A 292 9.36 11.04 6.26
CA GLY A 292 8.05 10.40 6.17
C GLY A 292 7.77 10.04 4.71
N MET A 293 6.61 10.47 4.21
CA MET A 293 6.20 10.11 2.85
C MET A 293 6.82 10.99 1.76
N ALA A 294 7.71 11.91 2.15
CA ALA A 294 8.53 12.65 1.16
C ALA A 294 9.85 11.95 0.85
N PHE A 295 10.11 10.85 1.55
CA PHE A 295 11.41 10.15 1.38
C PHE A 295 11.64 9.67 -0.07
N VAL A 296 10.63 9.05 -0.68
CA VAL A 296 10.76 8.60 -2.09
C VAL A 296 11.15 9.74 -3.07
N PRO A 297 10.35 10.81 -3.13
CA PRO A 297 10.74 11.92 -4.04
C PRO A 297 12.05 12.63 -3.68
N LEU A 298 12.35 12.74 -2.38
CA LEU A 298 13.55 13.49 -1.95
C LEU A 298 14.85 12.72 -2.01
N ARG A 299 14.79 11.42 -1.73
CA ARG A 299 15.99 10.58 -1.65
C ARG A 299 16.05 9.53 -2.74
N VAL A 300 14.96 8.78 -2.92
CA VAL A 300 14.97 7.63 -3.85
C VAL A 300 15.05 8.05 -5.33
N ILE A 301 14.21 9.00 -5.72
CA ILE A 301 14.17 9.45 -7.10
C ILE A 301 15.51 10.07 -7.53
N PRO A 302 16.08 11.00 -6.73
CA PRO A 302 17.43 11.50 -7.10
C PRO A 302 18.51 10.42 -7.12
N PHE A 303 18.45 9.45 -6.21
CA PHE A 303 19.40 8.32 -6.19
C PHE A 303 19.37 7.62 -7.56
N LEU A 304 18.16 7.29 -8.02
CA LEU A 304 17.99 6.65 -9.31
C LEU A 304 18.47 7.52 -10.48
N ARG A 305 18.14 8.81 -10.42
CA ARG A 305 18.59 9.74 -11.45
C ARG A 305 20.10 9.72 -11.59
N GLU A 306 20.78 9.82 -10.45
CA GLU A 306 22.26 9.85 -10.41
C GLU A 306 22.89 8.53 -10.85
N LYS A 307 22.16 7.44 -10.64
CA LYS A 307 22.56 6.13 -11.21
C LYS A 307 22.26 6.04 -12.72
N GLY A 308 21.67 7.09 -13.29
CA GLY A 308 21.46 7.15 -14.73
C GLY A 308 20.07 6.79 -15.24
N VAL A 309 19.13 6.53 -14.35
CA VAL A 309 17.74 6.29 -14.82
C VAL A 309 17.18 7.58 -15.42
N PRO A 310 16.70 7.53 -16.68
CA PRO A 310 16.18 8.72 -17.38
C PRO A 310 14.92 9.29 -16.70
N PRO A 311 14.76 10.63 -16.69
CA PRO A 311 13.57 11.27 -16.12
C PRO A 311 12.25 10.69 -16.63
N GLU A 312 12.18 10.40 -17.93
CA GLU A 312 10.97 9.87 -18.55
C GLU A 312 10.64 8.52 -17.93
N THR A 313 11.68 7.76 -17.58
CA THR A 313 11.46 6.44 -16.98
C THR A 313 10.94 6.59 -15.55
N LEU A 314 11.53 7.53 -14.82
CA LEU A 314 11.14 7.81 -13.44
C LEU A 314 9.70 8.33 -13.36
N ALA A 315 9.31 9.16 -14.33
CA ALA A 315 7.93 9.62 -14.46
C ALA A 315 6.96 8.47 -14.77
N GLY A 316 7.37 7.56 -15.66
CA GLY A 316 6.58 6.37 -15.98
C GLY A 316 6.33 5.53 -14.74
N VAL A 317 7.34 5.42 -13.88
CA VAL A 317 7.21 4.55 -12.70
C VAL A 317 6.28 5.18 -11.66
N THR A 318 6.43 6.49 -11.45
CA THR A 318 5.73 7.19 -10.36
C THR A 318 4.38 7.79 -10.74
N VAL A 319 4.13 7.95 -12.05
CA VAL A 319 2.86 8.52 -12.51
C VAL A 319 2.08 7.55 -13.41
N ALA A 320 2.71 7.10 -14.49
CA ALA A 320 2.00 6.29 -15.48
C ALA A 320 1.61 4.92 -14.91
N ASN A 321 2.54 4.24 -14.23
CA ASN A 321 2.23 2.90 -13.69
C ASN A 321 1.07 2.95 -12.67
N PRO A 322 1.15 3.85 -11.66
CA PRO A 322 -0.03 3.94 -10.78
C PRO A 322 -1.36 4.26 -11.48
N ALA A 323 -1.33 5.15 -12.47
CA ALA A 323 -2.54 5.53 -13.23
C ALA A 323 -3.16 4.32 -13.91
N ARG A 324 -2.35 3.54 -14.61
CA ARG A 324 -2.78 2.32 -15.27
C ARG A 324 -3.33 1.33 -14.24
N PHE A 325 -2.66 1.24 -13.10
CA PHE A 325 -3.03 0.28 -12.05
C PHE A 325 -4.39 0.64 -11.44
N LEU A 326 -4.54 1.90 -11.06
CA LEU A 326 -5.74 2.36 -10.35
C LEU A 326 -6.98 2.50 -11.23
N SER A 327 -6.79 2.85 -12.52
CA SER A 327 -7.94 3.00 -13.43
C SER A 327 -8.70 1.68 -13.45
N PRO A 328 -10.00 1.73 -13.13
CA PRO A 328 -10.80 0.51 -13.15
C PRO A 328 -10.83 -0.07 -14.57
N THR A 329 -10.44 -1.34 -14.66
CA THR A 329 -10.17 -2.01 -15.91
C THR A 329 -10.83 -3.39 -15.91
#